data_2WQ4
#
_entry.id   2WQ4
#
_cell.length_a   43.100
_cell.length_b   76.730
_cell.length_c   103.260
_cell.angle_alpha   90.00
_cell.angle_beta   90.00
_cell.angle_gamma   90.00
#
_symmetry.space_group_name_H-M   'P 21 21 21'
#
loop_
_entity.id
_entity.type
_entity.pdbx_description
1 polymer LECTIN
2 non-polymer 'methyl 1-seleno-alpha-L-fucopyranoside'
3 non-polymer 'BROMIDE ION'
4 water water
#
_entity_poly.entity_id   1
_entity_poly.type   'polypeptide(L)'
_entity_poly.pdbx_seq_one_letter_code
;(MSE)PLLSASIVSAPVVTSETYVDIPGLYLDVAKAGIRDGKLQVILNVPTPYATGNNFPGIYFAIATNQGVVADGCFTY
SSKVPESTGR(MSE)PFTLVATIDVGSGVTFVKGQWKSVRGSA(MSE)HIDSYASLSAIWGTAAPSSQGSGNQGAETGGT
GAGNIGGG
;
_entity_poly.pdbx_strand_id   A,B,C
#
loop_
_chem_comp.id
_chem_comp.type
_chem_comp.name
_chem_comp.formula
BR non-polymer 'BROMIDE ION' 'Br -1'
SFU L-saccharide 'methyl 1-seleno-alpha-L-fucopyranoside' 'C7 H14 O4 Se'
#
# COMPACT_ATOMS: atom_id res chain seq x y z
N PRO A 2 -13.26 -6.24 15.51
CA PRO A 2 -13.93 -5.09 14.92
C PRO A 2 -13.03 -4.36 13.92
N LEU A 3 -13.67 -3.75 12.92
CA LEU A 3 -13.01 -2.95 11.89
C LEU A 3 -13.44 -1.51 12.06
N LEU A 4 -12.48 -0.60 11.89
CA LEU A 4 -12.73 0.84 11.91
C LEU A 4 -12.30 1.42 10.58
N SER A 5 -13.03 2.43 10.12
N SER A 5 -13.02 2.45 10.13
CA SER A 5 -12.71 3.09 8.84
CA SER A 5 -12.65 3.09 8.88
C SER A 5 -13.15 4.56 8.83
C SER A 5 -13.16 4.53 8.77
N ALA A 6 -12.32 5.38 8.21
CA ALA A 6 -12.69 6.73 7.82
C ALA A 6 -12.21 6.94 6.39
N SER A 7 -12.98 7.68 5.60
CA SER A 7 -12.58 8.02 4.27
C SER A 7 -13.05 9.39 3.87
N ILE A 8 -12.31 9.98 2.94
CA ILE A 8 -12.61 11.30 2.38
C ILE A 8 -12.46 11.24 0.88
N VAL A 9 -12.98 12.23 0.18
CA VAL A 9 -12.76 12.37 -1.25
C VAL A 9 -12.12 13.71 -1.66
N SER A 10 -11.73 14.52 -0.68
N SER A 10 -11.72 14.51 -0.67
CA SER A 10 -11.00 15.75 -0.95
CA SER A 10 -11.08 15.80 -0.93
C SER A 10 -10.49 16.33 0.36
C SER A 10 -10.49 16.32 0.37
N ALA A 11 -9.51 17.21 0.26
CA ALA A 11 -9.05 18.02 1.39
C ALA A 11 -8.61 19.37 0.85
N PRO A 12 -8.69 20.44 1.66
CA PRO A 12 -8.15 21.70 1.21
C PRO A 12 -6.66 21.62 0.94
N VAL A 13 -6.21 22.41 -0.03
CA VAL A 13 -4.79 22.49 -0.33
C VAL A 13 -4.11 23.30 0.76
N VAL A 14 -3.09 22.71 1.38
CA VAL A 14 -2.38 23.30 2.52
C VAL A 14 -0.87 23.15 2.34
N THR A 15 -0.12 24.07 2.91
CA THR A 15 1.30 24.00 3.03
C THR A 15 1.60 24.08 4.51
N SER A 16 2.41 23.17 5.05
CA SER A 16 2.64 23.16 6.48
C SER A 16 3.96 22.52 6.78
N GLU A 17 4.79 23.22 7.53
CA GLU A 17 6.11 22.69 7.89
C GLU A 17 6.02 21.54 8.89
N THR A 18 5.04 21.60 9.78
CA THR A 18 4.86 20.54 10.74
C THR A 18 3.55 19.79 10.47
N TYR A 19 3.45 18.61 11.07
CA TYR A 19 2.30 17.78 10.84
C TYR A 19 0.99 18.44 11.22
N VAL A 20 0.05 18.33 10.29
CA VAL A 20 -1.31 18.80 10.49
C VAL A 20 -2.25 17.68 10.07
N ASP A 21 -3.38 17.57 10.72
CA ASP A 21 -4.35 16.53 10.38
C ASP A 21 -4.82 16.63 8.95
N ILE A 22 -5.02 15.47 8.31
CA ILE A 22 -5.75 15.43 7.06
C ILE A 22 -7.23 15.42 7.46
N PRO A 23 -7.96 16.48 7.13
CA PRO A 23 -9.33 16.50 7.65
C PRO A 23 -10.17 15.29 7.24
N GLY A 24 -10.87 14.74 8.20
CA GLY A 24 -11.71 13.58 8.01
C GLY A 24 -11.03 12.25 8.28
N LEU A 25 -9.70 12.22 8.29
CA LEU A 25 -9.02 10.94 8.48
C LEU A 25 -8.64 10.77 9.95
N TYR A 26 -9.64 10.34 10.73
CA TYR A 26 -9.41 10.04 12.14
C TYR A 26 -10.33 8.90 12.53
N LEU A 27 -9.87 8.10 13.50
CA LEU A 27 -10.65 7.02 14.11
C LEU A 27 -10.74 7.31 15.60
N ASP A 28 -11.97 7.41 16.09
CA ASP A 28 -12.20 7.70 17.51
C ASP A 28 -12.27 6.36 18.23
N VAL A 29 -11.10 5.90 18.68
CA VAL A 29 -10.95 4.57 19.26
C VAL A 29 -11.68 4.49 20.59
N ALA A 30 -11.62 5.58 21.34
CA ALA A 30 -12.32 5.68 22.62
C ALA A 30 -13.83 5.48 22.46
N LYS A 31 -14.42 6.18 21.48
CA LYS A 31 -15.85 6.06 21.23
C LYS A 31 -16.25 4.69 20.73
N ALA A 32 -15.33 4.02 20.04
CA ALA A 32 -15.57 2.67 19.53
C ALA A 32 -15.62 1.65 20.66
N GLY A 33 -15.13 2.04 21.85
CA GLY A 33 -15.10 1.18 23.01
C GLY A 33 -14.01 0.13 22.97
N ILE A 34 -12.87 0.48 22.36
CA ILE A 34 -11.70 -0.40 22.32
C ILE A 34 -10.66 0.13 23.31
N ARG A 35 -10.32 -0.68 24.30
CA ARG A 35 -9.38 -0.25 25.35
C ARG A 35 -8.25 -1.24 25.63
N ASP A 36 -8.17 -2.29 24.81
CA ASP A 36 -7.09 -3.25 24.90
C ASP A 36 -6.84 -3.86 23.55
N GLY A 37 -5.77 -4.65 23.47
CA GLY A 37 -5.37 -5.39 22.27
C GLY A 37 -4.58 -4.45 21.37
N LYS A 38 -4.62 -4.75 20.08
CA LYS A 38 -3.85 -4.00 19.07
C LYS A 38 -4.73 -3.60 17.90
N LEU A 39 -4.33 -2.54 17.21
CA LEU A 39 -4.90 -2.20 15.91
C LEU A 39 -3.80 -2.21 14.84
N GLN A 40 -4.05 -2.92 13.75
CA GLN A 40 -3.26 -2.74 12.53
C GLN A 40 -3.92 -1.58 11.76
N VAL A 41 -3.16 -0.51 11.58
CA VAL A 41 -3.66 0.72 10.98
C VAL A 41 -3.04 0.87 9.59
N ILE A 42 -3.87 1.20 8.62
CA ILE A 42 -3.39 1.53 7.28
C ILE A 42 -3.89 2.94 6.91
N LEU A 43 -2.94 3.81 6.56
CA LEU A 43 -3.24 5.09 5.94
C LEU A 43 -3.00 4.93 4.45
N ASN A 44 -4.05 5.16 3.67
CA ASN A 44 -4.01 4.96 2.23
C ASN A 44 -4.36 6.24 1.52
N VAL A 45 -3.39 6.82 0.84
CA VAL A 45 -3.60 8.05 0.08
C VAL A 45 -3.16 7.72 -1.35
N PRO A 46 -4.09 7.17 -2.16
CA PRO A 46 -3.69 6.56 -3.41
C PRO A 46 -3.42 7.56 -4.53
N THR A 47 -3.92 8.79 -4.41
CA THR A 47 -3.81 9.72 -5.57
C THR A 47 -3.40 11.15 -5.18
N PRO A 48 -2.37 11.31 -4.33
CA PRO A 48 -1.95 12.65 -4.00
C PRO A 48 -1.03 13.24 -5.04
N TYR A 49 -0.87 14.55 -4.99
CA TYR A 49 0.23 15.21 -5.65
C TYR A 49 0.71 16.39 -4.85
N ALA A 50 1.95 16.81 -5.12
CA ALA A 50 2.58 17.95 -4.45
C ALA A 50 2.96 18.95 -5.50
N THR A 51 2.87 20.23 -5.14
CA THR A 51 3.36 21.31 -5.99
C THR A 51 4.39 22.09 -5.19
N GLY A 52 5.43 22.58 -5.86
CA GLY A 52 6.51 23.30 -5.16
C GLY A 52 7.61 23.67 -6.11
N ASN A 53 8.70 24.18 -5.53
CA ASN A 53 9.80 24.75 -6.30
C ASN A 53 11.08 23.96 -6.33
N ASN A 54 11.14 22.86 -5.58
CA ASN A 54 12.42 22.14 -5.40
C ASN A 54 12.17 20.71 -4.99
N PHE A 55 11.96 19.86 -6.01
CA PHE A 55 11.66 18.43 -5.82
C PHE A 55 10.51 18.23 -4.82
N PRO A 56 9.28 18.55 -5.24
CA PRO A 56 8.17 18.55 -4.30
C PRO A 56 7.82 17.16 -3.77
N GLY A 57 7.10 17.13 -2.68
CA GLY A 57 6.64 15.90 -2.08
C GLY A 57 5.82 16.13 -0.86
N ILE A 58 5.34 15.05 -0.27
CA ILE A 58 4.49 15.12 0.91
C ILE A 58 4.92 14.03 1.88
N TYR A 59 5.01 14.41 3.15
CA TYR A 59 5.12 13.44 4.24
C TYR A 59 3.74 13.11 4.78
N PHE A 60 3.55 11.86 5.12
CA PHE A 60 2.33 11.37 5.77
C PHE A 60 2.70 10.62 7.04
N ALA A 61 1.85 10.77 8.05
CA ALA A 61 2.06 10.11 9.34
C ALA A 61 0.77 9.51 9.89
N ILE A 62 0.94 8.44 10.66
CA ILE A 62 -0.11 7.91 11.55
C ILE A 62 0.26 8.38 12.94
N ALA A 63 -0.68 9.04 13.62
CA ALA A 63 -0.49 9.57 14.96
C ALA A 63 -1.62 9.10 15.87
N THR A 64 -1.31 9.05 17.17
CA THR A 64 -2.32 8.87 18.21
C THR A 64 -2.25 10.07 19.13
N ASN A 65 -3.04 10.01 20.21
CA ASN A 65 -2.95 11.02 21.26
C ASN A 65 -1.60 11.07 21.95
N GLN A 66 -0.80 10.02 21.81
CA GLN A 66 0.54 9.93 22.37
C GLN A 66 1.63 10.45 21.44
N GLY A 67 1.30 10.71 20.18
CA GLY A 67 2.27 11.21 19.21
C GLY A 67 2.32 10.43 17.92
N VAL A 68 3.28 10.80 17.07
CA VAL A 68 3.45 10.13 15.78
C VAL A 68 4.03 8.73 15.96
N VAL A 69 3.41 7.75 15.33
CA VAL A 69 3.82 6.36 15.44
C VAL A 69 4.69 5.93 14.26
N ALA A 70 4.38 6.44 13.07
CA ALA A 70 5.09 6.05 11.85
C ALA A 70 4.89 7.14 10.83
N ASP A 71 5.86 7.31 9.92
CA ASP A 71 5.73 8.28 8.84
C ASP A 71 6.57 7.91 7.66
N GLY A 72 6.30 8.58 6.55
CA GLY A 72 7.03 8.36 5.32
C GLY A 72 6.70 9.48 4.36
N CYS A 73 7.26 9.42 3.16
CA CYS A 73 6.96 10.45 2.17
C CYS A 73 7.11 9.92 0.76
N PHE A 74 6.52 10.64 -0.20
CA PHE A 74 6.95 10.52 -1.61
C PHE A 74 7.58 11.82 -2.01
N THR A 75 8.50 11.76 -2.96
CA THR A 75 9.06 12.96 -3.58
C THR A 75 9.26 12.71 -5.06
N TYR A 76 9.14 13.78 -5.86
CA TYR A 76 9.46 13.70 -7.26
C TYR A 76 10.94 13.65 -7.51
N SER A 77 11.28 13.22 -8.72
CA SER A 77 12.68 13.01 -9.15
C SER A 77 13.20 14.11 -10.08
N SER A 78 12.40 15.14 -10.29
CA SER A 78 12.83 16.31 -11.03
C SER A 78 12.57 17.52 -10.16
N LYS A 79 13.41 18.55 -10.33
CA LYS A 79 13.34 19.73 -9.50
C LYS A 79 11.99 20.42 -9.64
N VAL A 80 11.56 20.60 -10.89
CA VAL A 80 10.25 21.14 -11.20
C VAL A 80 9.66 20.20 -12.26
N PRO A 81 8.86 19.22 -11.80
CA PRO A 81 8.36 18.22 -12.74
C PRO A 81 7.55 18.88 -13.87
N GLU A 82 7.58 18.31 -15.06
N GLU A 82 7.61 18.28 -15.06
CA GLU A 82 6.80 18.90 -16.14
CA GLU A 82 6.82 18.73 -16.23
C GLU A 82 5.32 18.88 -15.79
C GLU A 82 5.35 18.84 -15.82
N SER A 83 4.88 17.83 -15.10
CA SER A 83 3.56 17.80 -14.49
C SER A 83 3.75 17.06 -13.17
N THR A 84 3.05 17.49 -12.15
CA THR A 84 3.13 16.83 -10.85
C THR A 84 2.18 15.62 -10.83
N GLY A 85 2.75 14.47 -11.15
CA GLY A 85 1.96 13.25 -11.27
C GLY A 85 1.43 12.72 -9.97
N ARG A 86 0.47 11.80 -10.08
CA ARG A 86 -0.12 11.21 -8.90
C ARG A 86 0.71 10.08 -8.37
N MSE A 87 1.00 10.10 -7.08
CA MSE A 87 2.01 9.27 -6.42
C MSE A 87 1.40 8.47 -5.28
O MSE A 87 1.41 8.91 -4.14
CB MSE A 87 3.09 10.18 -5.85
CG MSE A 87 3.88 10.89 -6.93
SE MSE A 87 5.02 9.78 -7.99
CE MSE A 87 6.58 10.20 -6.95
N PRO A 88 0.88 7.27 -5.57
CA PRO A 88 0.20 6.53 -4.53
C PRO A 88 1.04 6.28 -3.30
N PHE A 89 0.41 6.41 -2.12
CA PHE A 89 1.15 6.29 -0.86
C PHE A 89 0.34 5.48 0.13
N THR A 90 0.97 4.48 0.72
CA THR A 90 0.35 3.70 1.78
C THR A 90 1.33 3.52 2.92
N LEU A 91 0.82 3.54 4.14
CA LEU A 91 1.59 3.44 5.38
C LEU A 91 0.88 2.52 6.35
N VAL A 92 1.61 1.54 6.89
CA VAL A 92 1.01 0.49 7.73
C VAL A 92 1.78 0.41 9.05
N ALA A 93 1.05 0.50 10.16
CA ALA A 93 1.65 0.40 11.50
C ALA A 93 0.69 -0.28 12.44
N THR A 94 1.23 -0.96 13.44
CA THR A 94 0.43 -1.68 14.43
C THR A 94 0.68 -1.05 15.80
N ILE A 95 -0.41 -0.72 16.47
CA ILE A 95 -0.34 0.02 17.70
C ILE A 95 -1.04 -0.74 18.81
N ASP A 96 -0.53 -0.58 20.03
N ASP A 96 -0.53 -0.56 20.03
CA ASP A 96 -1.08 -1.23 21.21
CA ASP A 96 -1.19 -1.09 21.20
C ASP A 96 -2.06 -0.28 21.87
C ASP A 96 -2.29 -0.14 21.57
N VAL A 97 -3.36 -0.60 21.80
N VAL A 97 -3.46 -0.69 21.85
CA VAL A 97 -4.42 0.25 22.37
CA VAL A 97 -4.57 0.12 22.33
C VAL A 97 -4.36 0.29 23.89
C VAL A 97 -4.85 -0.18 23.82
N GLY A 98 -3.88 -0.79 24.50
CA GLY A 98 -3.80 -0.82 25.97
C GLY A 98 -2.88 0.29 26.52
N SER A 99 -1.88 0.74 25.77
CA SER A 99 -1.00 1.82 26.27
C SER A 99 -1.71 3.17 26.64
N GLY A 100 -3.01 3.37 26.37
CA GLY A 100 -3.68 4.68 26.59
C GLY A 100 -4.18 5.40 25.32
N VAL A 101 -4.22 4.67 24.21
CA VAL A 101 -4.59 5.28 22.94
C VAL A 101 -6.10 5.55 22.89
N THR A 102 -6.44 6.79 22.50
CA THR A 102 -7.81 7.24 22.42
C THR A 102 -8.24 7.52 20.97
N PHE A 103 -7.29 7.78 20.07
CA PHE A 103 -7.61 8.05 18.67
C PHE A 103 -6.43 7.66 17.79
N VAL A 104 -6.73 7.52 16.50
CA VAL A 104 -5.74 7.39 15.44
C VAL A 104 -6.07 8.44 14.39
N LYS A 105 -5.05 9.13 13.89
CA LYS A 105 -5.19 10.15 12.83
C LYS A 105 -4.18 9.97 11.73
N GLY A 106 -4.60 10.34 10.53
CA GLY A 106 -3.69 10.57 9.42
C GLY A 106 -3.32 12.05 9.38
N GLN A 107 -2.02 12.33 9.29
CA GLN A 107 -1.49 13.69 9.22
C GLN A 107 -0.56 13.82 8.03
N TRP A 108 -0.30 15.05 7.62
CA TRP A 108 0.68 15.31 6.58
C TRP A 108 1.44 16.62 6.82
N LYS A 109 2.60 16.72 6.19
CA LYS A 109 3.40 17.93 6.20
C LYS A 109 4.21 18.00 4.91
N SER A 110 4.63 19.20 4.57
CA SER A 110 5.27 19.46 3.28
C SER A 110 6.68 18.91 3.21
N VAL A 111 7.08 18.44 2.04
CA VAL A 111 8.51 18.32 1.71
C VAL A 111 8.94 19.63 1.04
N ARG A 112 9.95 20.29 1.61
CA ARG A 112 10.58 21.46 0.97
C ARG A 112 9.50 22.49 0.52
N GLY A 113 8.57 22.76 1.41
CA GLY A 113 7.62 23.84 1.21
C GLY A 113 6.47 23.54 0.25
N SER A 114 6.31 22.28 -0.13
CA SER A 114 5.27 21.92 -1.10
C SER A 114 3.86 22.16 -0.59
N ALA A 115 3.00 22.55 -1.49
CA ALA A 115 1.57 22.49 -1.24
C ALA A 115 1.05 21.06 -1.48
N MSE A 116 0.12 20.63 -0.65
CA MSE A 116 -0.32 19.23 -0.54
C MSE A 116 -1.73 19.07 -1.07
O MSE A 116 -2.62 19.80 -0.67
CB MSE A 116 -0.21 18.79 0.91
CG MSE A 116 1.17 19.02 1.51
SE MSE A 116 1.31 18.39 3.34
CE MSE A 116 0.39 19.77 4.29
N HIS A 117 -1.90 18.10 -1.97
CA HIS A 117 -3.15 17.91 -2.67
C HIS A 117 -3.73 16.52 -2.58
N ILE A 118 -4.95 16.46 -2.05
CA ILE A 118 -5.86 15.30 -2.14
C ILE A 118 -7.16 15.82 -2.73
N ASP A 119 -7.58 15.23 -3.85
CA ASP A 119 -8.81 15.64 -4.51
C ASP A 119 -9.67 14.45 -4.92
N SER A 120 -9.41 13.31 -4.26
CA SER A 120 -10.13 12.07 -4.53
C SER A 120 -9.97 11.17 -3.30
N TYR A 121 -10.51 9.97 -3.40
CA TYR A 121 -10.59 9.06 -2.27
C TYR A 121 -9.27 8.85 -1.52
N ALA A 122 -9.35 8.87 -0.20
CA ALA A 122 -8.25 8.47 0.69
C ALA A 122 -8.88 7.90 1.94
N SER A 123 -8.17 7.03 2.64
CA SER A 123 -8.75 6.32 3.78
C SER A 123 -7.77 6.07 4.91
N LEU A 124 -8.35 5.86 6.09
CA LEU A 124 -7.62 5.46 7.29
C LEU A 124 -8.44 4.33 7.88
N SER A 125 -7.81 3.17 8.03
CA SER A 125 -8.46 1.92 8.37
C SER A 125 -7.77 1.25 9.52
N ALA A 126 -8.50 0.46 10.31
CA ALA A 126 -7.87 -0.32 11.37
C ALA A 126 -8.60 -1.63 11.59
N ILE A 127 -7.83 -2.68 11.83
CA ILE A 127 -8.36 -3.98 12.21
C ILE A 127 -7.83 -4.32 13.60
N TRP A 128 -8.74 -4.68 14.50
CA TRP A 128 -8.40 -5.05 15.84
C TRP A 128 -7.91 -6.53 15.91
N GLY A 129 -6.96 -6.77 16.79
CA GLY A 129 -6.56 -8.11 17.13
C GLY A 129 -5.61 -8.15 18.30
N THR A 130 -4.99 -9.30 18.49
CA THR A 130 -4.09 -9.50 19.59
C THR A 130 -2.80 -10.18 19.14
N ALA A 131 -1.74 -10.01 19.92
CA ALA A 131 -0.57 -10.87 19.81
C ALA A 131 -0.92 -12.23 20.37
N ALA A 132 -0.46 -13.29 19.73
CA ALA A 132 -0.67 -14.62 20.26
C ALA A 132 0.00 -14.73 21.63
N PRO A 133 -0.65 -15.39 22.59
CA PRO A 133 -0.02 -15.53 23.90
C PRO A 133 1.24 -16.42 23.87
N SER A 134 2.17 -16.13 24.76
CA SER A 134 3.37 -16.95 24.97
C SER A 134 3.29 -17.69 26.31
N SER A 135 3.89 -18.88 26.38
CA SER A 135 3.95 -19.63 27.65
C SER A 135 5.37 -19.66 28.23
N PRO B 2 -4.52 -14.04 15.53
CA PRO B 2 -3.50 -13.10 15.99
C PRO B 2 -2.99 -12.16 14.89
N LEU B 3 -2.36 -11.07 15.34
CA LEU B 3 -1.72 -10.03 14.49
C LEU B 3 -0.22 -10.13 14.77
N LEU B 4 0.59 -9.88 13.74
CA LEU B 4 2.05 -9.85 13.84
C LEU B 4 2.56 -8.57 13.19
N SER B 5 3.64 -8.00 13.74
N SER B 5 3.65 -8.03 13.71
CA SER B 5 4.27 -6.81 13.16
CA SER B 5 4.29 -6.90 13.04
C SER B 5 5.75 -6.73 13.45
C SER B 5 5.75 -6.80 13.42
N ALA B 6 6.54 -6.32 12.46
CA ALA B 6 7.96 -6.00 12.68
C ALA B 6 8.20 -4.71 11.90
N SER B 7 8.95 -3.78 12.49
CA SER B 7 9.26 -2.53 11.81
C SER B 7 10.70 -2.18 12.04
N ILE B 8 11.24 -1.38 11.12
CA ILE B 8 12.61 -0.87 11.20
C ILE B 8 12.55 0.63 10.88
N VAL B 9 13.60 1.34 11.22
CA VAL B 9 13.75 2.72 10.77
C VAL B 9 14.93 2.99 9.86
N SER B 10 15.66 1.93 9.51
CA SER B 10 16.70 2.00 8.48
C SER B 10 17.15 0.57 8.17
N ALA B 11 17.82 0.41 7.03
CA ALA B 11 18.46 -0.85 6.66
C ALA B 11 19.82 -0.51 6.08
N PRO B 12 20.79 -1.42 6.17
CA PRO B 12 22.05 -1.12 5.50
C PRO B 12 21.85 -0.93 3.99
N VAL B 13 22.54 0.05 3.43
CA VAL B 13 22.53 0.28 1.98
C VAL B 13 23.30 -0.82 1.29
N VAL B 14 22.66 -1.51 0.35
CA VAL B 14 23.31 -2.63 -0.35
C VAL B 14 22.94 -2.67 -1.80
N THR B 15 23.77 -3.36 -2.57
CA THR B 15 23.44 -3.82 -3.90
C THR B 15 23.44 -5.34 -3.84
N SER B 16 22.62 -5.95 -4.69
CA SER B 16 22.63 -7.42 -4.79
C SER B 16 21.87 -7.82 -6.02
N GLU B 17 22.46 -8.70 -6.83
CA GLU B 17 21.79 -9.19 -8.00
C GLU B 17 20.74 -10.27 -7.67
N THR B 18 20.84 -10.84 -6.47
CA THR B 18 19.91 -11.84 -5.96
C THR B 18 19.17 -11.32 -4.70
N TYR B 19 18.04 -11.91 -4.39
CA TYR B 19 17.30 -11.46 -3.21
C TYR B 19 18.10 -11.67 -1.94
N VAL B 20 18.18 -10.60 -1.15
CA VAL B 20 18.75 -10.65 0.18
C VAL B 20 17.74 -10.13 1.21
N ASP B 21 17.85 -10.66 2.42
CA ASP B 21 16.94 -10.27 3.50
C ASP B 21 17.07 -8.78 3.84
N ILE B 22 15.92 -8.13 4.06
CA ILE B 22 15.93 -6.80 4.62
C ILE B 22 15.96 -6.99 6.16
N PRO B 23 17.09 -6.66 6.81
CA PRO B 23 17.19 -6.99 8.23
C PRO B 23 16.10 -6.35 9.05
N GLY B 24 15.53 -7.16 9.94
CA GLY B 24 14.46 -6.71 10.81
C GLY B 24 13.05 -6.93 10.27
N LEU B 25 12.90 -7.21 8.98
CA LEU B 25 11.57 -7.45 8.41
C LEU B 25 11.33 -8.95 8.32
N TYR B 26 11.04 -9.53 9.47
CA TYR B 26 10.96 -10.98 9.63
C TYR B 26 9.89 -11.24 10.68
N LEU B 27 8.95 -12.12 10.36
CA LEU B 27 7.91 -12.53 11.30
C LEU B 27 8.00 -14.00 11.56
N ASP B 28 8.09 -14.36 12.84
CA ASP B 28 8.18 -15.75 13.23
C ASP B 28 6.78 -16.29 13.47
N VAL B 29 6.27 -16.94 12.43
CA VAL B 29 4.92 -17.43 12.41
C VAL B 29 4.76 -18.63 13.35
N ALA B 30 5.72 -19.55 13.32
CA ALA B 30 5.70 -20.69 14.25
C ALA B 30 5.75 -20.26 15.72
N LYS B 31 6.53 -19.24 16.04
CA LYS B 31 6.64 -18.78 17.42
C LYS B 31 5.32 -18.19 17.90
N ALA B 32 4.53 -17.67 16.96
CA ALA B 32 3.20 -17.17 17.27
C ALA B 32 2.16 -18.29 17.38
N GLY B 33 2.57 -19.55 17.22
CA GLY B 33 1.62 -20.67 17.29
C GLY B 33 0.74 -20.88 16.08
N ILE B 34 1.14 -20.32 14.94
CA ILE B 34 0.36 -20.38 13.73
C ILE B 34 0.97 -21.46 12.86
N ARG B 35 0.21 -22.53 12.61
CA ARG B 35 0.66 -23.70 11.83
C ARG B 35 -0.27 -24.08 10.65
N ASP B 36 -1.40 -23.37 10.54
CA ASP B 36 -2.29 -23.52 9.39
C ASP B 36 -3.16 -22.30 9.28
N GLY B 37 -4.21 -22.38 8.46
CA GLY B 37 -5.00 -21.21 8.09
C GLY B 37 -4.25 -20.33 7.11
N LYS B 38 -4.64 -19.07 7.07
CA LYS B 38 -4.17 -18.08 6.09
C LYS B 38 -3.55 -16.89 6.79
N LEU B 39 -2.59 -16.25 6.13
CA LEU B 39 -2.00 -15.02 6.66
C LEU B 39 -2.02 -14.00 5.55
N GLN B 40 -2.62 -12.85 5.82
CA GLN B 40 -2.49 -11.69 4.92
C GLN B 40 -1.22 -10.94 5.36
N VAL B 41 -0.24 -10.91 4.49
CA VAL B 41 1.08 -10.36 4.76
C VAL B 41 1.22 -9.05 3.97
N ILE B 42 1.65 -7.98 4.64
CA ILE B 42 1.84 -6.69 4.00
C ILE B 42 3.27 -6.24 4.25
N LEU B 43 4.00 -6.09 3.15
CA LEU B 43 5.34 -5.50 3.17
C LEU B 43 5.17 -4.05 2.75
N ASN B 44 5.46 -3.12 3.68
CA ASN B 44 5.24 -1.70 3.48
C ASN B 44 6.57 -0.99 3.60
N VAL B 45 7.07 -0.48 2.47
CA VAL B 45 8.30 0.28 2.43
C VAL B 45 7.92 1.64 1.82
N PRO B 46 7.46 2.56 2.69
CA PRO B 46 6.80 3.78 2.16
C PRO B 46 7.75 4.82 1.60
N THR B 47 9.04 4.74 1.95
CA THR B 47 9.97 5.81 1.58
C THR B 47 11.33 5.31 1.06
N PRO B 48 11.33 4.34 0.16
CA PRO B 48 12.61 3.87 -0.35
C PRO B 48 13.14 4.78 -1.47
N TYR B 49 14.44 4.66 -1.77
CA TYR B 49 14.96 5.13 -3.05
C TYR B 49 16.03 4.19 -3.53
N ALA B 50 16.35 4.32 -4.81
CA ALA B 50 17.40 3.56 -5.42
C ALA B 50 18.34 4.50 -6.14
N THR B 51 19.60 4.16 -6.12
CA THR B 51 20.57 4.90 -6.92
C THR B 51 21.19 4.00 -7.97
N GLY B 52 21.49 4.57 -9.12
CA GLY B 52 22.06 3.78 -10.22
C GLY B 52 22.12 4.63 -11.46
N ASN B 53 22.53 4.01 -12.56
CA ASN B 53 22.87 4.74 -13.77
C ASN B 53 22.05 4.38 -14.99
N ASN B 54 21.06 3.50 -14.82
CA ASN B 54 20.29 3.01 -15.93
C ASN B 54 18.88 2.63 -15.48
N PHE B 55 18.04 3.66 -15.31
CA PHE B 55 16.64 3.48 -14.83
C PHE B 55 16.60 2.70 -13.52
N PRO B 56 17.07 3.32 -12.43
CA PRO B 56 17.19 2.54 -11.18
C PRO B 56 15.85 2.10 -10.58
N GLY B 57 15.94 1.13 -9.69
CA GLY B 57 14.78 0.65 -9.00
C GLY B 57 15.13 -0.48 -8.06
N ILE B 58 14.11 -1.00 -7.40
CA ILE B 58 14.27 -2.08 -6.43
C ILE B 58 13.18 -3.10 -6.63
N TYR B 59 13.56 -4.39 -6.65
N TYR B 59 13.58 -4.38 -6.65
CA TYR B 59 12.60 -5.48 -6.59
CA TYR B 59 12.65 -5.49 -6.50
C TYR B 59 12.47 -5.93 -5.12
C TYR B 59 12.48 -5.79 -5.02
N PHE B 60 11.24 -6.05 -4.63
CA PHE B 60 10.94 -6.50 -3.29
C PHE B 60 10.19 -7.81 -3.35
N ALA B 61 10.41 -8.64 -2.35
CA ALA B 61 9.71 -9.95 -2.24
C ALA B 61 9.25 -10.22 -0.82
N ILE B 62 8.16 -10.96 -0.75
CA ILE B 62 7.76 -11.67 0.48
C ILE B 62 8.18 -13.13 0.29
N ALA B 63 8.96 -13.63 1.23
CA ALA B 63 9.49 -14.98 1.20
C ALA B 63 9.13 -15.76 2.43
N THR B 64 8.96 -17.06 2.24
CA THR B 64 8.76 -18.02 3.31
C THR B 64 9.88 -19.04 3.23
N ASN B 65 9.72 -20.12 3.98
CA ASN B 65 10.66 -21.23 3.94
C ASN B 65 10.80 -21.78 2.53
N GLN B 66 9.73 -21.70 1.73
CA GLN B 66 9.74 -22.19 0.33
C GLN B 66 10.43 -21.26 -0.66
N GLY B 67 10.71 -20.02 -0.27
CA GLY B 67 11.33 -19.03 -1.15
C GLY B 67 10.35 -17.90 -1.39
N VAL B 68 10.50 -17.24 -2.53
CA VAL B 68 9.71 -16.06 -2.87
C VAL B 68 8.30 -16.52 -3.20
N VAL B 69 7.30 -15.95 -2.53
CA VAL B 69 5.88 -16.23 -2.76
C VAL B 69 5.20 -15.14 -3.56
N ALA B 70 5.78 -13.95 -3.55
CA ALA B 70 5.20 -12.79 -4.26
C ALA B 70 6.29 -11.74 -4.38
N ASP B 71 6.29 -10.97 -5.47
CA ASP B 71 7.31 -9.94 -5.67
C ASP B 71 6.71 -8.73 -6.36
N GLY B 72 7.48 -7.65 -6.42
CA GLY B 72 7.10 -6.49 -7.19
C GLY B 72 8.25 -5.50 -7.16
N CYS B 73 8.11 -4.38 -7.84
CA CYS B 73 9.18 -3.43 -7.90
C CYS B 73 8.65 -2.06 -8.20
N PHE B 74 9.47 -1.06 -7.86
CA PHE B 74 9.34 0.27 -8.46
C PHE B 74 10.59 0.52 -9.33
N THR B 75 10.40 1.32 -10.37
CA THR B 75 11.55 1.83 -11.14
C THR B 75 11.29 3.26 -11.55
N TYR B 76 12.36 4.05 -11.66
CA TYR B 76 12.24 5.42 -12.15
C TYR B 76 12.04 5.40 -13.67
N SER B 77 11.49 6.49 -14.18
CA SER B 77 11.17 6.65 -15.60
C SER B 77 12.20 7.45 -16.40
N SER B 78 13.29 7.85 -15.76
CA SER B 78 14.40 8.49 -16.44
C SER B 78 15.67 7.67 -16.22
N LYS B 79 16.58 7.75 -17.18
CA LYS B 79 17.73 6.86 -17.17
C LYS B 79 18.61 7.18 -15.96
N VAL B 80 18.89 8.47 -15.77
CA VAL B 80 19.63 8.94 -14.61
C VAL B 80 18.80 10.05 -14.00
N PRO B 81 17.97 9.68 -13.02
CA PRO B 81 17.13 10.70 -12.40
C PRO B 81 17.91 11.91 -11.89
N GLU B 82 17.34 13.09 -12.08
CA GLU B 82 17.95 14.34 -11.55
C GLU B 82 18.21 14.23 -10.06
N SER B 83 17.21 13.74 -9.33
CA SER B 83 17.32 13.31 -7.94
C SER B 83 16.52 11.99 -7.83
N THR B 84 17.04 11.04 -7.07
CA THR B 84 16.36 9.77 -6.88
C THR B 84 15.30 9.97 -5.80
N GLY B 85 14.07 10.22 -6.25
CA GLY B 85 12.95 10.52 -5.34
C GLY B 85 12.45 9.32 -4.58
N ARG B 86 11.70 9.58 -3.53
CA ARG B 86 11.12 8.50 -2.71
C ARG B 86 9.87 7.92 -3.36
N MSE B 87 9.86 6.58 -3.48
CA MSE B 87 8.90 5.85 -4.28
C MSE B 87 8.15 4.85 -3.43
O MSE B 87 8.55 3.72 -3.30
CB MSE B 87 9.64 5.11 -5.39
CG MSE B 87 10.31 6.06 -6.34
SE MSE B 87 9.06 6.93 -7.50
CE MSE B 87 9.50 5.67 -8.84
N PRO B 88 7.04 5.28 -2.81
CA PRO B 88 6.38 4.38 -1.84
C PRO B 88 6.02 3.04 -2.45
N PHE B 89 6.21 1.98 -1.68
CA PHE B 89 6.03 0.64 -2.18
C PHE B 89 5.32 -0.22 -1.15
N THR B 90 4.25 -0.88 -1.57
CA THR B 90 3.53 -1.84 -0.73
C THR B 90 3.25 -3.09 -1.53
N LEU B 91 3.46 -4.24 -0.90
CA LEU B 91 3.20 -5.55 -1.49
C LEU B 91 2.38 -6.36 -0.51
N VAL B 92 1.26 -6.91 -0.98
CA VAL B 92 0.35 -7.71 -0.15
C VAL B 92 0.34 -9.12 -0.74
N ALA B 93 0.42 -10.13 0.12
CA ALA B 93 0.26 -11.51 -0.32
C ALA B 93 -0.42 -12.28 0.78
N THR B 94 -1.41 -13.07 0.40
CA THR B 94 -2.12 -13.88 1.34
C THR B 94 -1.68 -15.31 1.09
N ILE B 95 -1.17 -15.95 2.12
CA ILE B 95 -0.58 -17.28 1.94
C ILE B 95 -1.23 -18.31 2.85
N ASP B 96 -1.20 -19.57 2.43
N ASP B 96 -1.20 -19.57 2.43
CA ASP B 96 -1.63 -20.69 3.26
CA ASP B 96 -1.62 -20.69 3.27
C ASP B 96 -0.45 -21.08 4.14
C ASP B 96 -0.44 -21.09 4.14
N VAL B 97 -0.65 -21.12 5.45
CA VAL B 97 0.38 -21.56 6.35
C VAL B 97 0.37 -23.09 6.18
N GLY B 98 1.34 -23.60 5.42
CA GLY B 98 1.48 -25.02 5.16
C GLY B 98 2.37 -25.59 6.25
N SER B 99 2.47 -26.91 6.31
CA SER B 99 3.29 -27.57 7.34
C SER B 99 4.70 -26.98 7.35
N GLY B 100 5.17 -26.60 6.16
CA GLY B 100 6.51 -26.10 5.96
C GLY B 100 6.70 -24.60 6.03
N VAL B 101 5.66 -23.83 6.41
CA VAL B 101 5.80 -22.37 6.58
C VAL B 101 5.90 -21.98 8.05
N THR B 102 7.07 -21.50 8.44
CA THR B 102 7.34 -21.10 9.82
C THR B 102 7.74 -19.64 9.97
N PHE B 103 7.98 -18.96 8.85
CA PHE B 103 8.29 -17.53 8.88
C PHE B 103 7.83 -16.89 7.59
N VAL B 104 7.65 -15.57 7.64
N VAL B 104 7.73 -15.56 7.64
CA VAL B 104 7.58 -14.75 6.43
CA VAL B 104 7.59 -14.76 6.45
C VAL B 104 8.54 -13.60 6.62
C VAL B 104 8.55 -13.61 6.63
N LYS B 105 9.18 -13.17 5.54
CA LYS B 105 10.17 -12.11 5.60
C LYS B 105 10.18 -11.27 4.34
N GLY B 106 10.72 -10.07 4.46
CA GLY B 106 10.90 -9.21 3.31
C GLY B 106 12.32 -9.34 2.78
N GLN B 107 12.42 -9.31 1.46
CA GLN B 107 13.71 -9.35 0.77
C GLN B 107 13.70 -8.32 -0.34
N TRP B 108 14.90 -8.01 -0.83
CA TRP B 108 15.03 -7.10 -1.96
C TRP B 108 16.22 -7.43 -2.81
N LYS B 109 16.21 -6.97 -4.05
N LYS B 109 16.22 -6.97 -4.06
CA LYS B 109 17.35 -7.11 -4.97
CA LYS B 109 17.37 -7.10 -4.95
C LYS B 109 17.35 -5.94 -5.94
C LYS B 109 17.35 -5.95 -5.94
N SER B 110 18.51 -5.67 -6.49
CA SER B 110 18.75 -4.53 -7.36
C SER B 110 18.03 -4.65 -8.68
N VAL B 111 17.55 -3.54 -9.21
CA VAL B 111 17.24 -3.42 -10.62
C VAL B 111 18.42 -2.73 -11.31
N ARG B 112 19.03 -3.40 -12.28
CA ARG B 112 20.08 -2.77 -13.11
C ARG B 112 21.16 -2.14 -12.25
N GLY B 113 21.62 -2.92 -11.28
CA GLY B 113 22.72 -2.56 -10.45
C GLY B 113 22.51 -1.60 -9.30
N SER B 114 21.25 -1.23 -9.07
N SER B 114 21.25 -1.23 -9.07
CA SER B 114 20.89 -0.20 -8.10
CA SER B 114 20.93 -0.19 -8.11
C SER B 114 21.29 -0.50 -6.67
C SER B 114 21.31 -0.51 -6.67
N ALA B 115 21.74 0.53 -5.96
CA ALA B 115 21.91 0.49 -4.54
C ALA B 115 20.55 0.82 -3.93
N MSE B 116 20.26 0.12 -2.83
CA MSE B 116 18.92 0.09 -2.25
C MSE B 116 18.93 0.76 -0.90
O MSE B 116 19.73 0.41 -0.04
CB MSE B 116 18.47 -1.34 -2.10
CG MSE B 116 18.52 -2.11 -3.41
SE MSE B 116 17.88 -3.93 -3.36
CE MSE B 116 19.45 -4.75 -2.63
N HIS B 117 17.99 1.71 -0.72
CA HIS B 117 17.98 2.56 0.44
C HIS B 117 16.62 2.61 1.17
N ILE B 118 16.70 2.26 2.45
CA ILE B 118 15.67 2.52 3.45
C ILE B 118 16.37 3.25 4.59
N ASP B 119 15.92 4.47 4.87
CA ASP B 119 16.46 5.31 5.93
C ASP B 119 15.40 5.88 6.86
N SER B 120 14.23 5.23 6.86
CA SER B 120 13.12 5.61 7.69
C SER B 120 12.18 4.42 7.81
N TYR B 121 11.06 4.64 8.46
CA TYR B 121 10.12 3.58 8.82
C TYR B 121 9.78 2.67 7.64
N ALA B 122 9.80 1.36 7.90
CA ALA B 122 9.24 0.34 7.02
C ALA B 122 8.74 -0.77 7.91
N SER B 123 7.78 -1.55 7.40
CA SER B 123 7.17 -2.59 8.19
C SER B 123 6.80 -3.83 7.43
N LEU B 124 6.69 -4.93 8.17
CA LEU B 124 6.15 -6.19 7.68
C LEU B 124 5.09 -6.62 8.69
N SER B 125 3.88 -6.82 8.19
CA SER B 125 2.72 -7.06 9.03
C SER B 125 1.98 -8.29 8.56
N ALA B 126 1.30 -8.95 9.50
CA ALA B 126 0.47 -10.07 9.12
C ALA B 126 -0.74 -10.21 10.00
N ILE B 127 -1.86 -10.54 9.40
CA ILE B 127 -3.09 -10.86 10.14
C ILE B 127 -3.50 -12.27 9.74
N TRP B 128 -3.75 -13.11 10.75
CA TRP B 128 -4.20 -14.48 10.51
C TRP B 128 -5.72 -14.54 10.30
N GLY B 129 -6.14 -15.49 9.48
CA GLY B 129 -7.57 -15.77 9.32
C GLY B 129 -7.78 -17.17 8.80
N THR B 130 -9.07 -17.55 8.78
CA THR B 130 -9.48 -18.82 8.23
C THR B 130 -9.90 -18.65 6.77
N ALA B 131 -9.79 -19.73 6.01
CA ALA B 131 -10.34 -19.81 4.67
C ALA B 131 -11.88 -19.81 4.70
N ALA B 132 -12.46 -20.33 5.78
N PRO C 2 -13.04 -14.46 8.58
CA PRO C 2 -12.46 -15.12 7.45
C PRO C 2 -11.62 -14.14 6.68
N LEU C 3 -10.68 -14.67 5.93
CA LEU C 3 -9.77 -13.93 5.07
C LEU C 3 -9.95 -14.43 3.64
N LEU C 4 -10.46 -13.55 2.77
CA LEU C 4 -10.66 -13.88 1.37
C LEU C 4 -9.53 -13.29 0.56
N SER C 5 -9.11 -13.98 -0.49
CA SER C 5 -8.07 -13.43 -1.34
C SER C 5 -8.09 -14.00 -2.73
N ALA C 6 -7.62 -13.19 -3.66
CA ALA C 6 -7.43 -13.61 -5.05
C ALA C 6 -6.22 -12.90 -5.59
N SER C 7 -5.36 -13.62 -6.29
CA SER C 7 -4.14 -13.03 -6.85
C SER C 7 -3.92 -13.52 -8.26
N ILE C 8 -3.14 -12.72 -8.99
CA ILE C 8 -2.78 -13.01 -10.37
C ILE C 8 -1.32 -12.68 -10.56
N VAL C 9 -0.73 -13.18 -11.65
CA VAL C 9 0.64 -12.84 -12.01
C VAL C 9 0.73 -12.27 -13.41
N SER C 10 -0.42 -11.99 -14.03
CA SER C 10 -0.50 -11.40 -15.34
C SER C 10 -1.95 -11.01 -15.61
N ALA C 11 -2.14 -10.05 -16.51
CA ALA C 11 -3.46 -9.73 -17.04
C ALA C 11 -3.29 -9.28 -18.49
N PRO C 12 -4.33 -9.46 -19.32
CA PRO C 12 -4.25 -8.90 -20.65
C PRO C 12 -4.08 -7.38 -20.64
N VAL C 13 -3.29 -6.87 -21.56
CA VAL C 13 -3.13 -5.44 -21.75
C VAL C 13 -4.39 -4.89 -22.41
N VAL C 14 -4.98 -3.86 -21.81
N VAL C 14 -4.91 -3.81 -21.84
CA VAL C 14 -6.14 -3.23 -22.38
CA VAL C 14 -6.19 -3.25 -22.21
C VAL C 14 -6.07 -1.73 -22.28
C VAL C 14 -6.10 -1.72 -22.23
N THR C 15 -6.86 -1.08 -23.12
CA THR C 15 -7.07 0.36 -23.12
C THR C 15 -8.57 0.54 -22.99
N SER C 16 -9.03 1.40 -22.08
CA SER C 16 -10.47 1.58 -21.89
C SER C 16 -10.81 2.90 -21.25
N GLU C 17 -11.80 3.60 -21.80
CA GLU C 17 -12.27 4.84 -21.21
C GLU C 17 -13.06 4.60 -19.94
N THR C 18 -13.65 3.41 -19.81
CA THR C 18 -14.50 3.06 -18.69
C THR C 18 -13.89 1.88 -17.90
N TYR C 19 -14.25 1.79 -16.62
CA TYR C 19 -13.77 0.71 -15.77
C TYR C 19 -14.10 -0.64 -16.36
N VAL C 20 -13.06 -1.47 -16.46
CA VAL C 20 -13.22 -2.87 -16.83
C VAL C 20 -12.58 -3.76 -15.79
N ASP C 21 -13.13 -4.96 -15.62
CA ASP C 21 -12.64 -5.88 -14.62
C ASP C 21 -11.20 -6.30 -14.91
N ILE C 22 -10.38 -6.37 -13.87
CA ILE C 22 -9.05 -6.99 -13.97
C ILE C 22 -9.26 -8.48 -13.73
N PRO C 23 -9.10 -9.30 -14.78
CA PRO C 23 -9.48 -10.70 -14.63
C PRO C 23 -8.71 -11.38 -13.51
N GLY C 24 -9.43 -12.13 -12.68
CA GLY C 24 -8.87 -12.84 -11.54
C GLY C 24 -8.90 -12.11 -10.24
N LEU C 25 -9.13 -10.81 -10.26
CA LEU C 25 -9.18 -10.03 -9.01
C LEU C 25 -10.66 -9.90 -8.61
N TYR C 26 -11.16 -10.98 -8.01
CA TYR C 26 -12.59 -11.15 -7.74
C TYR C 26 -12.73 -11.95 -6.45
N LEU C 27 -13.53 -11.46 -5.52
CA LEU C 27 -13.85 -12.20 -4.29
C LEU C 27 -15.35 -12.48 -4.27
N ASP C 28 -15.71 -13.76 -4.17
CA ASP C 28 -17.10 -14.18 -4.17
C ASP C 28 -17.61 -14.16 -2.71
N VAL C 29 -18.10 -13.01 -2.29
CA VAL C 29 -18.54 -12.82 -0.91
C VAL C 29 -19.77 -13.71 -0.63
N ALA C 30 -20.65 -13.79 -1.61
CA ALA C 30 -21.89 -14.60 -1.41
C ALA C 30 -21.54 -16.03 -1.14
N LYS C 31 -20.65 -16.60 -1.96
CA LYS C 31 -20.30 -18.01 -1.82
C LYS C 31 -19.57 -18.27 -0.50
N ALA C 32 -18.79 -17.29 -0.04
CA ALA C 32 -18.08 -17.42 1.22
C ALA C 32 -19.03 -17.53 2.41
N GLY C 33 -20.27 -17.10 2.24
CA GLY C 33 -21.25 -17.13 3.31
C GLY C 33 -20.79 -16.21 4.41
N ILE C 34 -20.34 -15.01 4.03
CA ILE C 34 -19.78 -14.07 5.00
C ILE C 34 -20.91 -13.62 5.95
N ARG C 35 -20.73 -13.87 7.26
CA ARG C 35 -21.60 -13.32 8.33
C ARG C 35 -21.73 -11.84 8.17
N ASP C 36 -22.82 -11.29 8.69
CA ASP C 36 -23.03 -9.85 8.60
C ASP C 36 -21.89 -9.10 9.30
N GLY C 37 -21.55 -7.93 8.77
CA GLY C 37 -20.44 -7.18 9.30
C GLY C 37 -19.78 -6.35 8.23
N LYS C 38 -18.45 -6.31 8.26
CA LYS C 38 -17.68 -5.43 7.40
C LYS C 38 -16.55 -6.25 6.82
N LEU C 39 -16.08 -5.81 5.65
CA LEU C 39 -14.86 -6.33 5.02
C LEU C 39 -13.93 -5.15 4.75
N GLN C 40 -12.71 -5.24 5.26
CA GLN C 40 -11.64 -4.34 4.85
C GLN C 40 -10.95 -4.95 3.64
N VAL C 41 -11.05 -4.25 2.50
CA VAL C 41 -10.58 -4.74 1.21
C VAL C 41 -9.35 -3.97 0.80
N ILE C 42 -8.34 -4.72 0.36
CA ILE C 42 -7.13 -4.14 -0.17
C ILE C 42 -6.93 -4.60 -1.60
N LEU C 43 -6.84 -3.64 -2.51
CA LEU C 43 -6.43 -3.89 -3.89
C LEU C 43 -4.98 -3.46 -3.98
N ASN C 44 -4.10 -4.38 -4.28
CA ASN C 44 -2.66 -4.10 -4.35
C ASN C 44 -2.14 -4.51 -5.71
N VAL C 45 -1.66 -3.53 -6.45
CA VAL C 45 -1.09 -3.70 -7.79
C VAL C 45 0.31 -3.08 -7.70
N PRO C 46 1.29 -3.87 -7.24
CA PRO C 46 2.58 -3.29 -6.86
C PRO C 46 3.52 -2.94 -8.01
N THR C 47 3.28 -3.48 -9.21
CA THR C 47 4.22 -3.29 -10.32
C THR C 47 3.56 -2.99 -11.66
N PRO C 48 2.57 -2.09 -11.70
CA PRO C 48 1.94 -1.76 -12.98
C PRO C 48 2.79 -0.76 -13.77
N TYR C 49 2.48 -0.64 -15.05
CA TYR C 49 2.94 0.50 -15.83
C TYR C 49 1.88 0.83 -16.86
N ALA C 50 1.98 2.05 -17.37
CA ALA C 50 1.07 2.57 -18.38
C ALA C 50 1.88 2.99 -19.57
N THR C 51 1.32 2.80 -20.76
CA THR C 51 1.98 3.27 -21.98
C THR C 51 1.05 4.23 -22.71
N GLY C 52 1.61 5.30 -23.23
CA GLY C 52 0.81 6.33 -23.88
C GLY C 52 1.71 7.50 -24.23
N ASN C 53 1.12 8.56 -24.75
N ASN C 53 1.10 8.56 -24.76
CA ASN C 53 1.92 9.71 -25.21
CA ASN C 53 1.84 9.70 -25.27
C ASN C 53 1.45 11.04 -24.62
C ASN C 53 1.44 11.03 -24.64
N ASN C 54 0.63 11.00 -23.58
CA ASN C 54 0.14 12.22 -22.95
C ASN C 54 -0.02 12.04 -21.45
N PHE C 55 1.12 12.03 -20.76
CA PHE C 55 1.18 11.89 -19.30
C PHE C 55 0.40 10.64 -18.89
N PRO C 56 0.96 9.46 -19.21
CA PRO C 56 0.19 8.25 -19.02
C PRO C 56 -0.08 7.88 -17.56
N GLY C 57 -1.06 7.01 -17.37
CA GLY C 57 -1.37 6.51 -16.04
C GLY C 57 -2.55 5.56 -16.08
N ILE C 58 -2.93 5.07 -14.90
CA ILE C 58 -4.02 4.11 -14.75
C ILE C 58 -4.85 4.47 -13.55
N TYR C 59 -6.18 4.47 -13.71
CA TYR C 59 -7.12 4.51 -12.59
C TYR C 59 -7.45 3.08 -12.20
N PHE C 60 -7.52 2.84 -10.89
CA PHE C 60 -7.92 1.55 -10.34
C PHE C 60 -9.12 1.78 -9.44
N ALA C 61 -10.03 0.82 -9.37
CA ALA C 61 -11.17 0.89 -8.48
C ALA C 61 -11.41 -0.42 -7.79
N ILE C 62 -12.00 -0.33 -6.59
CA ILE C 62 -12.63 -1.45 -5.91
C ILE C 62 -14.13 -1.28 -6.14
N ALA C 63 -14.76 -2.32 -6.63
CA ALA C 63 -16.19 -2.30 -6.97
C ALA C 63 -16.88 -3.51 -6.39
N THR C 64 -18.12 -3.31 -5.97
CA THR C 64 -19.00 -4.41 -5.64
C THR C 64 -20.09 -4.50 -6.72
N ASN C 65 -21.01 -5.44 -6.54
CA ASN C 65 -22.17 -5.50 -7.41
C ASN C 65 -22.98 -4.20 -7.38
N GLN C 66 -22.79 -3.39 -6.34
CA GLN C 66 -23.53 -2.15 -6.17
C GLN C 66 -22.80 -0.94 -6.78
N GLY C 67 -21.61 -1.14 -7.31
CA GLY C 67 -20.88 -0.03 -7.92
C GLY C 67 -19.49 0.17 -7.37
N VAL C 68 -18.83 1.20 -7.88
CA VAL C 68 -17.48 1.53 -7.42
C VAL C 68 -17.56 2.11 -6.01
N VAL C 69 -16.77 1.59 -5.07
N VAL C 69 -16.74 1.57 -5.12
CA VAL C 69 -16.75 2.14 -3.72
CA VAL C 69 -16.71 1.98 -3.73
C VAL C 69 -15.53 2.99 -3.44
C VAL C 69 -15.54 2.93 -3.43
N ALA C 70 -14.48 2.84 -4.23
CA ALA C 70 -13.26 3.65 -4.03
C ALA C 70 -12.45 3.56 -5.29
N ASP C 71 -11.74 4.64 -5.63
CA ASP C 71 -10.86 4.61 -6.78
C ASP C 71 -9.71 5.59 -6.60
N GLY C 72 -8.71 5.46 -7.46
CA GLY C 72 -7.57 6.37 -7.46
C GLY C 72 -6.75 6.08 -8.70
N CYS C 73 -5.61 6.73 -8.82
CA CYS C 73 -4.73 6.48 -9.98
C CYS C 73 -3.28 6.79 -9.65
N PHE C 74 -2.38 6.29 -10.48
CA PHE C 74 -1.05 6.85 -10.63
C PHE C 74 -0.96 7.49 -12.01
N THR C 75 -0.15 8.54 -12.11
CA THR C 75 0.24 9.13 -13.38
C THR C 75 1.74 9.46 -13.39
N TYR C 76 2.36 9.42 -14.57
CA TYR C 76 3.71 9.88 -14.71
C TYR C 76 3.78 11.40 -14.72
N SER C 77 4.97 11.91 -14.47
CA SER C 77 5.21 13.34 -14.37
C SER C 77 5.88 13.93 -15.61
N SER C 78 5.96 13.15 -16.69
N SER C 78 5.97 13.16 -16.69
CA SER C 78 6.46 13.62 -17.98
CA SER C 78 6.44 13.69 -17.97
C SER C 78 5.44 13.28 -19.04
C SER C 78 5.48 13.28 -19.05
N LYS C 79 5.38 14.08 -20.09
N LYS C 79 5.38 14.08 -20.09
CA LYS C 79 4.39 13.83 -21.13
CA LYS C 79 4.39 13.82 -21.12
C LYS C 79 4.62 12.49 -21.83
C LYS C 79 4.63 12.48 -21.83
N VAL C 80 5.87 12.23 -22.21
CA VAL C 80 6.27 10.97 -22.84
C VAL C 80 7.47 10.48 -22.04
N PRO C 81 7.20 9.66 -21.00
CA PRO C 81 8.30 9.19 -20.15
C PRO C 81 9.41 8.53 -20.96
N GLU C 82 10.65 8.77 -20.57
CA GLU C 82 11.77 8.16 -21.27
C GLU C 82 11.63 6.64 -21.28
N SER C 83 11.25 6.10 -20.13
CA SER C 83 10.80 4.72 -19.99
C SER C 83 9.58 4.78 -19.07
N THR C 84 8.63 3.90 -19.26
CA THR C 84 7.47 3.90 -18.37
C THR C 84 7.79 3.02 -17.17
N GLY C 85 8.16 3.65 -16.07
CA GLY C 85 8.59 2.92 -14.88
C GLY C 85 7.45 2.27 -14.12
N ARG C 86 7.81 1.38 -13.23
CA ARG C 86 6.83 0.68 -12.42
C ARG C 86 6.40 1.53 -11.25
N MSE C 87 5.09 1.68 -11.11
CA MSE C 87 4.45 2.59 -10.16
C MSE C 87 3.51 1.88 -9.19
O MSE C 87 2.31 1.77 -9.44
CB MSE C 87 3.68 3.62 -10.96
CG MSE C 87 4.54 4.39 -11.92
SE MSE C 87 5.60 5.69 -10.99
CE MSE C 87 4.30 7.09 -11.22
N PRO C 88 4.05 1.45 -8.05
CA PRO C 88 3.22 0.71 -7.09
C PRO C 88 1.97 1.44 -6.68
N PHE C 89 0.86 0.68 -6.63
CA PHE C 89 -0.44 1.23 -6.31
C PHE C 89 -1.19 0.33 -5.33
N THR C 90 -1.72 0.92 -4.25
CA THR C 90 -2.56 0.22 -3.29
C THR C 90 -3.79 1.07 -3.00
N LEU C 91 -4.95 0.41 -2.83
CA LEU C 91 -6.22 1.07 -2.53
C LEU C 91 -6.91 0.26 -1.45
N VAL C 92 -7.36 0.92 -0.40
CA VAL C 92 -7.99 0.27 0.75
C VAL C 92 -9.37 0.87 1.04
N ALA C 93 -10.39 0.01 1.17
CA ALA C 93 -11.75 0.45 1.41
C ALA C 93 -12.48 -0.56 2.26
N THR C 94 -13.43 -0.10 3.04
CA THR C 94 -14.17 -0.96 3.93
C THR C 94 -15.63 -0.94 3.54
N ILE C 95 -16.19 -2.12 3.33
CA ILE C 95 -17.54 -2.28 2.83
C ILE C 95 -18.40 -3.09 3.80
N ASP C 96 -19.71 -3.00 3.62
CA ASP C 96 -20.66 -3.78 4.44
C ASP C 96 -20.98 -5.15 3.85
N VAL C 97 -21.18 -6.10 4.74
CA VAL C 97 -21.65 -7.43 4.35
C VAL C 97 -22.98 -7.70 5.05
N GLY C 98 -23.95 -8.19 4.27
CA GLY C 98 -25.31 -8.44 4.78
C GLY C 98 -26.33 -7.41 4.32
N SER C 99 -25.88 -6.42 3.56
CA SER C 99 -26.75 -5.36 3.02
C SER C 99 -26.68 -5.31 1.48
N GLY C 100 -26.48 -6.47 0.87
CA GLY C 100 -26.63 -6.62 -0.56
C GLY C 100 -25.35 -6.86 -1.35
N VAL C 101 -24.20 -6.75 -0.72
CA VAL C 101 -22.96 -7.08 -1.40
C VAL C 101 -22.81 -8.57 -1.62
N THR C 102 -22.58 -8.93 -2.88
CA THR C 102 -22.38 -10.30 -3.29
C THR C 102 -20.95 -10.61 -3.81
N PHE C 103 -20.25 -9.58 -4.27
CA PHE C 103 -18.87 -9.75 -4.69
C PHE C 103 -18.10 -8.45 -4.54
N VAL C 104 -16.78 -8.57 -4.54
CA VAL C 104 -15.88 -7.43 -4.63
C VAL C 104 -14.90 -7.71 -5.73
N LYS C 105 -14.54 -6.71 -6.51
CA LYS C 105 -13.61 -6.89 -7.63
C LYS C 105 -12.72 -5.68 -7.82
N GLY C 106 -11.58 -5.92 -8.45
CA GLY C 106 -10.71 -4.86 -8.89
C GLY C 106 -10.99 -4.53 -10.34
N GLN C 107 -10.99 -3.24 -10.67
CA GLN C 107 -11.20 -2.75 -12.00
C GLN C 107 -10.17 -1.69 -12.33
N TRP C 108 -10.03 -1.38 -13.62
CA TRP C 108 -9.14 -0.32 -14.05
C TRP C 108 -9.64 0.36 -15.31
N LYS C 109 -9.17 1.59 -15.52
CA LYS C 109 -9.44 2.35 -16.73
C LYS C 109 -8.30 3.28 -17.03
N SER C 110 -8.21 3.71 -18.28
CA SER C 110 -7.08 4.44 -18.76
C SER C 110 -7.09 5.86 -18.31
N VAL C 111 -5.90 6.38 -18.03
CA VAL C 111 -5.71 7.83 -17.98
C VAL C 111 -5.26 8.27 -19.37
N ARG C 112 -6.01 9.19 -19.99
CA ARG C 112 -5.60 9.78 -21.27
C ARG C 112 -5.19 8.73 -22.31
N GLY C 113 -6.02 7.70 -22.45
CA GLY C 113 -5.85 6.72 -23.52
C GLY C 113 -4.73 5.72 -23.29
N SER C 114 -4.20 5.65 -22.08
CA SER C 114 -3.09 4.75 -21.80
C SER C 114 -3.47 3.28 -21.91
N ALA C 115 -2.56 2.47 -22.45
CA ALA C 115 -2.65 1.04 -22.31
C ALA C 115 -2.16 0.64 -20.91
N MSE C 116 -2.81 -0.37 -20.33
CA MSE C 116 -2.65 -0.75 -18.95
C MSE C 116 -1.95 -2.10 -18.80
O MSE C 116 -2.38 -3.07 -19.44
CB MSE C 116 -4.03 -0.80 -18.31
CG MSE C 116 -4.79 0.50 -18.43
SE MSE C 116 -6.51 0.52 -17.53
CE MSE C 116 -7.58 -0.36 -18.87
N HIS C 117 -0.90 -2.18 -17.98
CA HIS C 117 -0.03 -3.34 -17.92
C HIS C 117 0.15 -3.88 -16.52
N ILE C 118 -0.20 -5.15 -16.34
CA ILE C 118 0.15 -5.96 -15.19
C ILE C 118 0.84 -7.20 -15.77
N ASP C 119 2.07 -7.44 -15.32
CA ASP C 119 2.84 -8.62 -15.72
C ASP C 119 3.52 -9.33 -14.55
N SER C 120 2.96 -9.14 -13.36
CA SER C 120 3.50 -9.78 -12.19
C SER C 120 2.46 -9.75 -11.08
N TYR C 121 2.82 -10.27 -9.91
CA TYR C 121 1.90 -10.43 -8.79
C TYR C 121 1.04 -9.19 -8.51
N ALA C 122 -0.25 -9.42 -8.39
CA ALA C 122 -1.20 -8.42 -7.93
C ALA C 122 -2.31 -9.15 -7.19
N SER C 123 -3.00 -8.48 -6.28
CA SER C 123 -3.99 -9.17 -5.47
C SER C 123 -5.12 -8.29 -4.97
N LEU C 124 -6.20 -8.98 -4.62
CA LEU C 124 -7.37 -8.38 -3.97
C LEU C 124 -7.63 -9.25 -2.76
N SER C 125 -7.66 -8.65 -1.57
CA SER C 125 -7.91 -9.43 -0.37
C SER C 125 -8.80 -8.69 0.61
N ALA C 126 -9.43 -9.44 1.50
CA ALA C 126 -10.39 -8.83 2.41
C ALA C 126 -10.40 -9.57 3.73
N ILE C 127 -10.50 -8.81 4.82
CA ILE C 127 -10.61 -9.37 6.16
C ILE C 127 -11.97 -8.95 6.71
N TRP C 128 -12.69 -9.91 7.28
CA TRP C 128 -13.98 -9.65 7.91
C TRP C 128 -13.84 -9.19 9.36
N GLY C 129 -14.74 -8.32 9.77
CA GLY C 129 -14.93 -8.06 11.18
C GLY C 129 -16.25 -7.41 11.44
N THR C 130 -16.57 -7.26 12.72
CA THR C 130 -17.76 -6.58 13.14
C THR C 130 -17.60 -5.06 13.03
N ALA C 131 -18.71 -4.35 12.95
CA ALA C 131 -18.68 -2.90 13.04
C ALA C 131 -18.32 -2.49 14.46
N ALA C 132 -17.79 -1.28 14.61
CA ALA C 132 -17.37 -0.76 15.92
C ALA C 132 -18.27 -1.24 17.07
C1 SFU D . -4.45 15.10 -12.96
C2 SFU D . -3.53 13.95 -13.35
C3 SFU D . -2.16 14.49 -13.78
C4 SFU D . -1.58 15.38 -12.69
C5 SFU D . -2.56 16.52 -12.33
C6 SFU D . -2.10 17.40 -11.19
O2 SFU D . -4.12 13.20 -14.42
O3 SFU D . -1.32 13.40 -14.10
O4 SFU D . -1.37 14.57 -11.53
O5 SFU D . -3.84 15.94 -11.95
CM SFU D . -5.98 17.46 -13.56
SE SFU D . -4.99 16.14 -14.58
BR BR E . -2.26 -7.82 22.45
C1 SFU F . 15.50 12.86 0.54
C2 SFU F . 14.27 13.18 -0.32
C3 SFU F . 14.70 13.44 -1.76
C4 SFU F . 15.53 12.29 -2.28
C5 SFU F . 16.75 12.04 -1.38
C6 SFU F . 17.59 10.86 -1.85
O2 SFU F . 13.55 14.32 0.19
O3 SFU F . 13.54 13.71 -2.55
O4 SFU F . 14.68 11.11 -2.32
O5 SFU F . 16.28 11.78 -0.03
CM SFU F . 17.81 13.67 2.12
SE SFU F . 16.57 14.49 0.86
C1 SFU G . 10.80 -3.38 -16.70
C2 SFU G . 11.22 -2.28 -15.72
C3 SFU G . 11.35 -0.96 -16.46
C4 SFU G . 10.06 -0.61 -17.20
C5 SFU G . 9.71 -1.75 -18.14
C6 SFU G . 8.39 -1.55 -18.86
O2 SFU G . 12.50 -2.57 -15.14
O3 SFU G . 11.70 0.06 -15.50
O4 SFU G . 8.99 -0.41 -16.24
O5 SFU G . 9.61 -2.97 -17.40
CM SFU G . 11.44 -5.35 -18.84
SE SFU G . 12.29 -3.83 -17.95
#